data_7N94
#
_entry.id   7N94
#
_cell.length_a   100.774
_cell.length_b   100.774
_cell.length_c   140.770
_cell.angle_alpha   90.000
_cell.angle_beta   90.000
_cell.angle_gamma   90.000
#
_symmetry.space_group_name_H-M   'P 43 21 2'
#
loop_
_entity.id
_entity.type
_entity.pdbx_description
1 polymer 'LINE-1 retrotransposable element ORF2 protein'
2 polymer "DNA (5'-D(*GP*CP*TP*CP*CP*TP*TP*TP*TP*TP*AP*AP*GP*GP*GP*CP*TP*A)-3')"
3 polymer "DNA (5'-D(*AP*GP*CP*CP*CP*TP*TP*AP*AP*AP*AP*AP*GP*GP*AP*GP*CP*T)-3')"
#
loop_
_entity_poly.entity_id
_entity_poly.type
_entity_poly.pdbx_seq_one_letter_code
_entity_poly.pdbx_strand_id
1 'polypeptide(L)'
;MTGSNSHITILTLNINGLNSAIKRHRLASWIKSQDPSVCCIQETHLTCRDTHRLKIKGWRKIYQANGKQKKAGVAILVSD
KTDFKPTKIKRDKEGHYIMVKGSIQQEELTILNIYAPNTGAPRFIKQVLSDLQRDLDSHTLIMGAFNTPLSTLDRSTRQK
VNKDTQELNSALHQADLIDIYRTLHPKSTEYTFFSAPHHTYSKIDHIVGSKALLSKCKRTEIITNKLSDHSAIKLELR
;
A,B
2 'polydeoxyribonucleotide' (DG)(DC)(DT)(DC)(DC)(DT)(DT)(DT)(DT)(DT)(DA)(DA)(DG)(DG)(DG)(DC)(DT)(DA) D,F
3 'polydeoxyribonucleotide' (DA)(DG)(DC)(DC)(DC)(DT)(DT)(DA)(DA)(DA)(DA)(DA)(DG)(DG)(DA)(DG)(DC)(DT) E,G
#
# COMPACT_ATOMS: atom_id res chain seq x y z
N HIS A 7 -22.72 -1.59 28.56
CA HIS A 7 -21.62 -2.41 28.03
C HIS A 7 -21.05 -2.25 26.64
N ILE A 8 -19.79 -2.64 26.70
CA ILE A 8 -18.72 -2.54 25.72
C ILE A 8 -18.28 -3.94 25.35
N THR A 9 -17.90 -4.10 24.08
CA THR A 9 -17.54 -5.37 23.49
C THR A 9 -16.07 -5.33 23.08
N ILE A 10 -15.35 -6.42 23.34
CA ILE A 10 -13.96 -6.56 22.90
C ILE A 10 -13.87 -7.77 21.98
N LEU A 11 -13.08 -7.63 20.91
CA LEU A 11 -12.97 -8.65 19.89
C LEU A 11 -11.49 -8.87 19.57
N THR A 12 -11.08 -10.13 19.44
CA THR A 12 -9.71 -10.50 19.10
C THR A 12 -9.72 -11.41 17.88
N LEU A 13 -8.90 -11.08 16.88
CA LEU A 13 -8.81 -11.93 15.70
C LEU A 13 -7.40 -11.87 15.14
N ASN A 14 -6.82 -13.06 14.95
CA ASN A 14 -5.56 -13.22 14.22
C ASN A 14 -5.92 -13.30 12.75
N ILE A 15 -5.77 -12.17 12.05
CA ILE A 15 -6.32 -12.03 10.70
C ILE A 15 -5.50 -12.77 9.67
N ASN A 16 -4.25 -13.08 9.98
CA ASN A 16 -3.33 -13.83 9.12
C ASN A 16 -3.16 -13.17 7.77
N GLY A 17 -2.65 -11.93 7.80
CA GLY A 17 -2.30 -11.21 6.59
C GLY A 17 -3.34 -10.23 6.10
N LEU A 18 -2.96 -8.98 5.90
CA LEU A 18 -3.91 -7.98 5.43
C LEU A 18 -3.42 -7.23 4.20
N ASN A 19 -2.41 -7.76 3.51
CA ASN A 19 -1.86 -7.06 2.35
C ASN A 19 -2.74 -7.16 1.12
N SER A 20 -3.72 -8.05 1.10
CA SER A 20 -4.68 -8.12 0.00
C SER A 20 -5.79 -7.09 0.19
N ALA A 21 -6.06 -6.31 -0.84
CA ALA A 21 -7.11 -5.29 -0.74
C ALA A 21 -8.50 -5.90 -0.59
N ILE A 22 -8.77 -7.01 -1.29
CA ILE A 22 -10.06 -7.69 -1.11
C ILE A 22 -10.24 -8.17 0.33
N LYS A 23 -9.16 -8.66 0.95
CA LYS A 23 -9.27 -9.14 2.32
C LYS A 23 -9.48 -8.01 3.30
N ARG A 24 -8.90 -6.84 3.03
CA ARG A 24 -9.16 -5.67 3.87
C ARG A 24 -10.61 -5.25 3.79
N HIS A 25 -11.21 -5.33 2.60
CA HIS A 25 -12.61 -5.01 2.45
C HIS A 25 -13.48 -5.97 3.25
N ARG A 26 -13.13 -7.26 3.23
CA ARG A 26 -13.95 -8.25 3.94
C ARG A 26 -13.82 -8.09 5.44
N LEU A 27 -12.60 -7.76 5.91
CA LEU A 27 -12.42 -7.46 7.32
C LEU A 27 -13.25 -6.26 7.73
N ALA A 28 -13.24 -5.21 6.91
CA ALA A 28 -14.05 -4.03 7.18
C ALA A 28 -15.52 -4.41 7.34
N SER A 29 -16.03 -5.26 6.46
CA SER A 29 -17.44 -5.58 6.53
C SER A 29 -17.75 -6.51 7.69
N TRP A 30 -16.84 -7.44 8.00
CA TRP A 30 -17.05 -8.35 9.13
C TRP A 30 -17.10 -7.59 10.44
N ILE A 31 -16.22 -6.60 10.62
CA ILE A 31 -16.13 -5.89 11.88
C ILE A 31 -17.37 -5.02 12.09
N LYS A 32 -17.88 -4.40 11.00
CA LYS A 32 -19.13 -3.66 11.11
C LYS A 32 -20.26 -4.62 11.46
N SER A 33 -20.23 -5.83 10.89
CA SER A 33 -21.20 -6.86 11.24
C SER A 33 -21.17 -7.17 12.73
N GLN A 34 -19.98 -7.49 13.27
CA GLN A 34 -19.86 -7.85 14.69
C GLN A 34 -20.12 -6.66 15.61
N ASP A 35 -19.74 -5.46 15.19
CA ASP A 35 -19.88 -4.22 15.95
C ASP A 35 -19.27 -4.30 17.35
N PRO A 36 -17.95 -4.41 17.47
CA PRO A 36 -17.32 -4.34 18.79
C PRO A 36 -16.96 -2.91 19.15
N SER A 37 -16.77 -2.70 20.46
CA SER A 37 -16.33 -1.39 20.91
C SER A 37 -14.83 -1.23 20.71
N VAL A 38 -14.09 -2.32 20.84
CA VAL A 38 -12.67 -2.35 20.54
C VAL A 38 -12.39 -3.67 19.83
N CYS A 39 -11.52 -3.62 18.83
CA CYS A 39 -11.15 -4.80 18.09
C CYS A 39 -9.63 -4.87 18.06
N CYS A 40 -9.09 -6.04 18.34
CA CYS A 40 -7.66 -6.26 18.28
C CYS A 40 -7.38 -7.22 17.14
N ILE A 41 -6.52 -6.78 16.22
CA ILE A 41 -6.06 -7.59 15.10
C ILE A 41 -4.59 -7.92 15.34
N GLN A 42 -4.22 -9.17 15.09
CA GLN A 42 -2.83 -9.59 15.09
C GLN A 42 -2.48 -10.10 13.71
N GLU A 43 -1.18 -10.09 13.41
CA GLU A 43 -0.66 -10.60 12.14
C GLU A 43 -1.29 -9.86 10.96
N THR A 44 -1.29 -8.53 11.05
CA THR A 44 -1.77 -7.74 9.92
C THR A 44 -0.83 -7.83 8.73
N HIS A 45 0.46 -8.05 9.00
CA HIS A 45 1.51 -8.09 7.97
C HIS A 45 1.71 -6.75 7.28
N LEU A 46 1.26 -5.65 7.88
CA LEU A 46 1.51 -4.33 7.33
C LEU A 46 2.83 -3.78 7.84
N THR A 47 3.58 -3.14 6.95
CA THR A 47 4.87 -2.57 7.29
C THR A 47 4.70 -1.17 7.90
N CYS A 48 5.82 -0.59 8.36
CA CYS A 48 5.77 0.72 9.00
C CYS A 48 5.19 1.79 8.10
N ARG A 49 5.39 1.68 6.79
CA ARG A 49 4.92 2.67 5.84
C ARG A 49 3.59 2.30 5.20
N ASP A 50 2.90 1.28 5.72
CA ASP A 50 1.69 0.78 5.08
C ASP A 50 0.48 0.83 6.00
N THR A 51 0.55 1.63 7.07
CA THR A 51 -0.52 1.67 8.06
C THR A 51 -1.80 2.28 7.51
N HIS A 52 -1.70 3.23 6.58
CA HIS A 52 -2.88 3.91 6.08
C HIS A 52 -3.69 3.07 5.11
N ARG A 53 -3.21 1.89 4.72
CA ARG A 53 -4.08 1.01 3.95
C ARG A 53 -5.23 0.50 4.81
N LEU A 54 -5.02 0.43 6.12
CA LEU A 54 -6.01 -0.10 7.05
C LEU A 54 -6.95 1.03 7.47
N LYS A 55 -8.16 1.01 6.92
CA LYS A 55 -9.17 2.04 7.14
C LYS A 55 -10.51 1.33 7.18
N ILE A 56 -11.14 1.29 8.34
CA ILE A 56 -12.51 0.82 8.49
C ILE A 56 -13.41 2.02 8.77
N LYS A 57 -14.61 2.02 8.21
CA LYS A 57 -15.52 3.14 8.45
C LYS A 57 -16.39 2.82 9.64
N GLY A 58 -16.41 3.75 10.61
CA GLY A 58 -16.98 3.56 11.93
C GLY A 58 -15.94 3.27 12.99
N TRP A 59 -14.70 3.05 12.58
CA TRP A 59 -13.58 2.80 13.49
C TRP A 59 -12.47 3.69 12.97
N ARG A 60 -12.41 4.94 13.41
CA ARG A 60 -11.39 5.80 12.85
C ARG A 60 -10.12 5.80 13.67
N LYS A 61 -10.22 5.59 14.98
CA LYS A 61 -9.02 5.43 15.80
C LYS A 61 -8.51 4.02 15.62
N ILE A 62 -7.37 3.89 14.94
CA ILE A 62 -6.77 2.60 14.62
C ILE A 62 -5.30 2.73 15.00
N TYR A 63 -4.92 2.19 16.15
CA TYR A 63 -3.56 2.29 16.67
C TYR A 63 -2.77 1.07 16.25
N GLN A 64 -1.61 1.28 15.64
CA GLN A 64 -0.85 0.18 15.05
C GLN A 64 0.59 0.18 15.53
N ALA A 65 1.17 -1.01 15.57
CA ALA A 65 2.60 -1.20 15.75
C ALA A 65 3.05 -2.16 14.67
N ASN A 66 4.04 -1.76 13.87
CA ASN A 66 4.44 -2.56 12.72
C ASN A 66 5.94 -2.72 12.64
N GLY A 67 6.36 -3.79 11.97
CA GLY A 67 7.76 -4.00 11.66
C GLY A 67 8.09 -3.54 10.26
N LYS A 68 9.30 -3.87 9.82
CA LYS A 68 9.74 -3.44 8.50
C LYS A 68 9.52 -4.50 7.43
N GLN A 69 9.12 -5.70 7.81
CA GLN A 69 8.85 -6.77 6.86
C GLN A 69 7.38 -7.13 6.90
N LYS A 70 6.91 -7.79 5.84
CA LYS A 70 5.51 -8.16 5.78
C LYS A 70 5.21 -9.32 6.72
N LYS A 71 5.68 -9.18 7.97
CA LYS A 71 5.47 -10.11 9.05
C LYS A 71 5.04 -9.32 10.29
N ALA A 72 4.51 -10.03 11.28
CA ALA A 72 4.02 -9.44 12.51
C ALA A 72 2.95 -8.38 12.26
N GLY A 73 2.93 -7.33 13.08
CA GLY A 73 1.94 -6.27 12.94
C GLY A 73 0.70 -6.42 13.78
N VAL A 74 0.43 -5.47 14.66
CA VAL A 74 -0.76 -5.48 15.50
C VAL A 74 -1.52 -4.18 15.31
N ALA A 75 -2.81 -4.20 15.60
CA ALA A 75 -3.66 -3.02 15.49
C ALA A 75 -4.73 -3.05 16.57
N ILE A 76 -5.03 -1.90 17.17
CA ILE A 76 -6.19 -1.75 18.04
C ILE A 76 -7.16 -0.77 17.39
N LEU A 77 -8.37 -1.24 17.14
CA LEU A 77 -9.42 -0.45 16.48
C LEU A 77 -10.43 -0.04 17.54
N VAL A 78 -10.80 1.24 17.57
CA VAL A 78 -11.76 1.74 18.55
C VAL A 78 -12.99 2.27 17.82
N SER A 79 -14.17 1.77 18.20
CA SER A 79 -15.43 2.19 17.60
C SER A 79 -15.60 3.70 17.65
N ASP A 80 -16.23 4.24 16.61
CA ASP A 80 -16.59 5.64 16.62
C ASP A 80 -17.78 5.93 17.51
N LYS A 81 -18.48 4.91 17.97
CA LYS A 81 -19.62 5.04 18.88
C LYS A 81 -19.24 5.04 20.36
N THR A 82 -17.95 5.08 20.71
CA THR A 82 -17.52 5.11 22.10
C THR A 82 -16.55 6.27 22.21
N ASP A 83 -16.65 7.11 23.24
CA ASP A 83 -15.63 8.16 23.31
C ASP A 83 -14.47 7.50 24.04
N PHE A 84 -13.43 7.14 23.30
CA PHE A 84 -12.20 6.62 23.87
C PHE A 84 -11.15 7.71 23.84
N LYS A 85 -10.76 8.21 25.01
CA LYS A 85 -9.76 9.27 25.10
C LYS A 85 -8.45 8.68 25.59
N PRO A 86 -7.51 8.41 24.68
CA PRO A 86 -6.29 7.69 25.07
C PRO A 86 -5.34 8.57 25.85
N THR A 87 -4.65 7.96 26.81
CA THR A 87 -3.71 8.66 27.66
C THR A 87 -2.26 8.25 27.44
N LYS A 88 -2.00 7.06 26.93
CA LYS A 88 -0.64 6.60 26.64
C LYS A 88 -0.69 5.64 25.47
N ILE A 89 0.37 5.63 24.68
CA ILE A 89 0.52 4.71 23.56
C ILE A 89 1.98 4.28 23.52
N LYS A 90 2.25 3.02 23.89
CA LYS A 90 3.55 2.41 23.72
C LYS A 90 3.48 1.37 22.62
N ARG A 91 4.40 1.44 21.67
CA ARG A 91 4.40 0.49 20.57
C ARG A 91 5.82 -0.01 20.33
N ASP A 92 5.97 -1.33 20.26
CA ASP A 92 7.18 -1.91 19.74
C ASP A 92 7.33 -1.55 18.27
N LYS A 93 8.55 -1.31 17.83
CA LYS A 93 8.77 -1.00 16.43
C LYS A 93 9.27 -2.20 15.64
N GLU A 94 9.39 -3.36 16.28
CA GLU A 94 9.44 -4.61 15.55
C GLU A 94 8.04 -5.09 15.14
N GLY A 95 6.99 -4.53 15.74
CA GLY A 95 5.62 -4.86 15.37
C GLY A 95 4.92 -5.96 16.14
N HIS A 96 5.38 -6.29 17.33
CA HIS A 96 4.83 -7.45 18.01
C HIS A 96 3.84 -7.09 19.11
N TYR A 97 3.77 -5.83 19.51
CA TYR A 97 2.76 -5.49 20.50
C TYR A 97 2.47 -4.00 20.44
N ILE A 98 1.27 -3.66 20.90
CA ILE A 98 0.89 -2.27 21.12
C ILE A 98 0.04 -2.23 22.38
N MET A 99 0.25 -1.19 23.18
CA MET A 99 -0.50 -0.99 24.40
C MET A 99 -1.20 0.35 24.32
N VAL A 100 -2.47 0.38 24.69
CA VAL A 100 -3.27 1.60 24.71
C VAL A 100 -4.00 1.68 26.05
N LYS A 101 -3.89 2.84 26.71
CA LYS A 101 -4.59 3.15 27.95
C LYS A 101 -5.55 4.30 27.72
N GLY A 102 -6.74 4.23 28.30
CA GLY A 102 -7.73 5.24 28.05
C GLY A 102 -8.92 5.11 28.97
N SER A 103 -10.05 5.70 28.54
CA SER A 103 -11.26 5.66 29.35
C SER A 103 -12.48 5.51 28.44
N ILE A 104 -12.89 4.26 28.25
CA ILE A 104 -14.08 3.98 27.46
C ILE A 104 -15.28 4.12 28.38
N GLN A 105 -16.28 4.88 27.95
CA GLN A 105 -17.45 5.16 28.77
C GLN A 105 -17.00 5.61 30.15
N GLN A 106 -15.97 6.47 30.15
CA GLN A 106 -15.31 6.98 31.37
C GLN A 106 -15.27 5.92 32.49
N GLU A 107 -14.53 4.86 32.20
CA GLU A 107 -14.13 3.85 33.15
C GLU A 107 -12.77 3.43 32.63
N GLU A 108 -11.72 3.60 33.44
CA GLU A 108 -10.36 3.42 32.95
C GLU A 108 -10.12 2.00 32.47
N LEU A 109 -9.16 1.85 31.56
CA LEU A 109 -8.89 0.55 30.95
C LEU A 109 -7.55 0.57 30.24
N THR A 110 -6.82 -0.55 30.32
CA THR A 110 -5.59 -0.78 29.58
C THR A 110 -5.77 -1.99 28.67
N ILE A 111 -5.26 -1.90 27.45
CA ILE A 111 -5.35 -2.97 26.46
C ILE A 111 -3.96 -3.23 25.91
N LEU A 112 -3.49 -4.46 26.04
CA LEU A 112 -2.21 -4.86 25.46
C LEU A 112 -2.50 -5.90 24.37
N ASN A 113 -2.05 -5.63 23.16
CA ASN A 113 -2.29 -6.51 22.01
C ASN A 113 -0.94 -7.08 21.58
N ILE A 114 -0.80 -8.40 21.70
CA ILE A 114 0.48 -9.09 21.58
C ILE A 114 0.39 -10.15 20.50
N TYR A 115 1.43 -10.25 19.69
CA TYR A 115 1.62 -11.38 18.79
C TYR A 115 2.98 -12.01 19.10
N ALA A 116 2.96 -13.20 19.74
CA ALA A 116 4.18 -13.90 20.08
C ALA A 116 4.60 -14.84 18.95
N PRO A 117 5.84 -14.78 18.49
CA PRO A 117 6.31 -15.75 17.47
C PRO A 117 6.27 -17.14 18.05
N ASN A 118 5.84 -18.10 17.23
CA ASN A 118 5.62 -19.46 17.73
C ASN A 118 6.90 -20.04 18.32
N THR A 119 8.04 -19.76 17.71
CA THR A 119 9.34 -20.19 18.20
C THR A 119 9.72 -19.40 19.46
N GLY A 120 9.46 -19.99 20.63
CA GLY A 120 9.76 -19.36 21.90
C GLY A 120 8.67 -18.42 22.38
N ALA A 121 7.43 -18.83 22.13
CA ALA A 121 6.27 -17.91 22.37
C ALA A 121 6.04 -17.57 23.83
N PRO A 122 5.78 -18.55 24.74
CA PRO A 122 5.31 -18.20 26.08
C PRO A 122 6.27 -17.34 26.82
N ARG A 123 7.48 -17.33 26.34
CA ARG A 123 8.60 -16.80 27.05
C ARG A 123 9.03 -15.44 26.52
N PHE A 124 8.66 -15.17 25.26
CA PHE A 124 8.62 -13.81 24.73
C PHE A 124 7.53 -13.03 25.44
N ILE A 125 6.40 -13.70 25.72
CA ILE A 125 5.30 -13.04 26.41
C ILE A 125 5.66 -12.69 27.85
N LYS A 126 6.33 -13.61 28.56
CA LYS A 126 6.77 -13.28 29.93
C LYS A 126 7.63 -12.02 29.88
N GLN A 127 8.57 -11.96 28.93
CA GLN A 127 9.49 -10.85 28.97
C GLN A 127 8.80 -9.57 28.50
N VAL A 128 7.79 -9.70 27.64
CA VAL A 128 7.01 -8.53 27.26
C VAL A 128 6.23 -7.97 28.46
N LEU A 129 5.76 -8.84 29.36
CA LEU A 129 5.01 -8.36 30.53
C LEU A 129 5.93 -7.66 31.49
N SER A 130 7.12 -8.14 31.56
CA SER A 130 8.12 -7.49 32.38
C SER A 130 8.62 -6.19 31.77
N ASP A 131 8.70 -6.10 30.43
CA ASP A 131 9.08 -4.84 29.80
C ASP A 131 8.01 -3.77 29.96
N LEU A 132 6.72 -4.14 29.98
CA LEU A 132 5.61 -3.18 30.11
C LEU A 132 5.03 -3.17 31.51
N GLN A 133 5.73 -3.78 32.43
CA GLN A 133 5.38 -3.86 33.85
C GLN A 133 4.73 -2.65 34.47
N ARG A 134 5.35 -1.50 34.28
CA ARG A 134 5.09 -0.30 35.07
C ARG A 134 3.76 0.36 34.69
N ASP A 135 3.18 -0.01 33.53
CA ASP A 135 1.89 0.46 33.06
C ASP A 135 0.78 -0.56 33.29
N LEU A 136 1.14 -1.77 33.70
CA LEU A 136 0.15 -2.80 34.00
C LEU A 136 -0.56 -2.43 35.29
N ASP A 137 -1.86 -2.66 35.29
CA ASP A 137 -2.77 -2.05 36.24
C ASP A 137 -3.57 -3.04 37.07
N SER A 138 -4.76 -2.60 37.46
CA SER A 138 -5.85 -3.46 37.86
C SER A 138 -7.03 -3.42 36.89
N HIS A 139 -6.88 -2.78 35.71
CA HIS A 139 -7.87 -2.78 34.62
C HIS A 139 -7.31 -3.26 33.28
N THR A 140 -6.41 -4.26 33.26
CA THR A 140 -5.79 -4.67 32.01
C THR A 140 -6.59 -5.74 31.28
N LEU A 141 -6.56 -5.66 29.94
CA LEU A 141 -6.81 -6.82 29.10
C LEU A 141 -5.57 -7.07 28.27
N ILE A 142 -5.13 -8.33 28.22
CA ILE A 142 -4.09 -8.78 27.32
C ILE A 142 -4.74 -9.71 26.32
N MET A 143 -4.49 -9.47 25.04
CA MET A 143 -5.11 -10.29 24.01
C MET A 143 -4.12 -10.54 22.89
N GLY A 144 -4.31 -11.67 22.23
CA GLY A 144 -3.73 -11.82 20.93
C GLY A 144 -3.28 -13.23 20.66
N ALA A 145 -2.36 -13.31 19.71
CA ALA A 145 -1.80 -14.58 19.25
C ALA A 145 -0.64 -14.88 20.19
N PHE A 146 -0.93 -15.66 21.23
CA PHE A 146 0.10 -16.15 22.12
C PHE A 146 0.89 -17.29 21.51
N ASN A 147 0.30 -17.99 20.52
CA ASN A 147 0.90 -19.16 19.87
C ASN A 147 1.39 -20.18 20.90
N THR A 148 0.70 -20.23 22.04
CA THR A 148 0.93 -21.20 23.09
C THR A 148 -0.40 -21.53 23.75
N PRO A 149 -0.64 -22.77 24.13
CA PRO A 149 -1.76 -23.08 25.01
C PRO A 149 -1.38 -22.79 26.45
N LEU A 150 -2.37 -22.38 27.25
CA LEU A 150 -2.09 -22.10 28.65
C LEU A 150 -2.44 -23.24 29.60
N SER A 151 -3.44 -24.06 29.27
CA SER A 151 -3.81 -25.22 30.06
C SER A 151 -3.85 -26.43 29.14
N THR A 152 -3.90 -27.62 29.73
CA THR A 152 -4.06 -28.82 28.91
C THR A 152 -5.39 -28.83 28.15
N LEU A 153 -6.37 -28.05 28.59
CA LEU A 153 -7.64 -28.00 27.88
C LEU A 153 -7.56 -27.16 26.61
N ASP A 154 -6.45 -26.43 26.41
CA ASP A 154 -6.26 -25.57 25.26
C ASP A 154 -5.69 -26.31 24.06
N ARG A 155 -5.78 -27.63 24.05
CA ARG A 155 -5.08 -28.44 23.06
C ARG A 155 -5.84 -29.75 22.92
N SER A 156 -6.02 -30.20 21.67
CA SER A 156 -6.81 -31.40 21.45
C SER A 156 -6.04 -32.67 21.82
N THR A 157 -4.72 -32.68 21.60
CA THR A 157 -3.90 -33.77 22.10
C THR A 157 -3.80 -33.79 23.63
N ARG A 158 -4.21 -32.71 24.29
CA ARG A 158 -4.21 -32.59 25.75
C ARG A 158 -2.84 -32.82 26.38
N GLN A 159 -1.77 -32.66 25.61
CA GLN A 159 -0.42 -32.88 26.14
C GLN A 159 -0.20 -32.01 27.37
N LYS A 160 0.59 -32.51 28.31
CA LYS A 160 0.89 -31.72 29.49
C LYS A 160 1.63 -30.44 29.10
N VAL A 161 1.46 -29.43 29.94
CA VAL A 161 1.87 -28.08 29.59
C VAL A 161 3.38 -27.95 29.63
N ASN A 162 3.90 -27.12 28.72
CA ASN A 162 5.31 -26.75 28.71
C ASN A 162 5.70 -26.23 30.10
N LYS A 163 6.95 -26.43 30.50
CA LYS A 163 7.37 -25.86 31.78
C LYS A 163 7.37 -24.34 31.74
N ASP A 164 7.68 -23.77 30.58
CA ASP A 164 7.76 -22.33 30.43
C ASP A 164 6.38 -21.68 30.29
N THR A 165 5.36 -22.47 29.96
CA THR A 165 3.99 -22.02 30.11
C THR A 165 3.62 -21.96 31.58
N GLN A 166 4.12 -22.90 32.40
CA GLN A 166 3.96 -22.81 33.84
C GLN A 166 4.78 -21.63 34.39
N GLU A 167 5.72 -21.13 33.58
CA GLU A 167 6.65 -20.03 33.85
C GLU A 167 5.97 -18.70 33.61
N LEU A 168 5.07 -18.69 32.61
CA LEU A 168 4.19 -17.57 32.32
C LEU A 168 2.95 -17.56 33.21
N ASN A 169 2.36 -18.72 33.48
CA ASN A 169 1.18 -18.77 34.33
C ASN A 169 1.49 -18.22 35.72
N SER A 170 2.71 -18.47 36.20
CA SER A 170 3.20 -17.82 37.41
C SER A 170 3.33 -16.30 37.21
N ALA A 171 3.88 -15.88 36.07
CA ALA A 171 4.01 -14.45 35.82
C ALA A 171 2.66 -13.77 35.70
N LEU A 172 1.65 -14.50 35.21
CA LEU A 172 0.31 -13.94 35.14
C LEU A 172 -0.31 -13.91 36.53
N HIS A 173 -0.09 -14.96 37.32
CA HIS A 173 -0.64 -15.03 38.67
C HIS A 173 0.08 -14.13 39.67
N GLN A 174 1.32 -13.71 39.38
CA GLN A 174 2.02 -12.82 40.30
C GLN A 174 1.71 -11.36 39.94
N ALA A 175 1.11 -11.16 38.77
CA ALA A 175 0.59 -9.86 38.39
C ALA A 175 -0.92 -9.80 38.53
N ASP A 176 -1.54 -10.86 39.05
CA ASP A 176 -2.97 -10.91 39.33
C ASP A 176 -3.82 -10.89 38.06
N LEU A 177 -3.39 -11.68 37.07
CA LEU A 177 -4.10 -11.81 35.81
C LEU A 177 -4.58 -13.25 35.66
N ILE A 178 -5.73 -13.41 34.99
CA ILE A 178 -6.28 -14.74 34.74
C ILE A 178 -6.71 -14.85 33.29
N ASP A 179 -6.72 -16.08 32.77
CA ASP A 179 -7.30 -16.35 31.46
C ASP A 179 -8.82 -16.21 31.55
N ILE A 180 -9.35 -15.15 30.94
CA ILE A 180 -10.78 -14.87 31.08
C ILE A 180 -11.60 -16.00 30.48
N TYR A 181 -11.22 -16.51 29.32
CA TYR A 181 -12.03 -17.54 28.69
C TYR A 181 -12.10 -18.79 29.54
N ARG A 182 -10.95 -19.28 29.99
CA ARG A 182 -10.92 -20.48 30.83
C ARG A 182 -11.73 -20.29 32.12
N THR A 183 -11.63 -19.10 32.73
CA THR A 183 -12.32 -18.88 33.99
C THR A 183 -13.83 -18.95 33.83
N LEU A 184 -14.37 -18.43 32.72
CA LEU A 184 -15.81 -18.49 32.51
C LEU A 184 -16.28 -19.80 31.91
N HIS A 185 -15.36 -20.60 31.37
CA HIS A 185 -15.69 -21.93 30.84
C HIS A 185 -14.54 -22.85 31.20
N PRO A 186 -14.45 -23.27 32.46
CA PRO A 186 -13.29 -24.06 32.91
C PRO A 186 -13.25 -25.46 32.31
N LYS A 187 -14.38 -25.94 31.80
CA LYS A 187 -14.50 -27.32 31.33
C LYS A 187 -14.71 -27.40 29.82
N SER A 188 -14.60 -26.29 29.09
CA SER A 188 -15.04 -26.19 27.71
C SER A 188 -13.84 -26.34 26.78
N THR A 189 -14.04 -27.10 25.71
CA THR A 189 -12.95 -27.54 24.85
C THR A 189 -12.80 -26.74 23.55
N GLU A 190 -13.50 -25.63 23.37
CA GLU A 190 -13.63 -25.07 22.03
C GLU A 190 -12.34 -24.36 21.62
N TYR A 191 -12.03 -24.41 20.32
CA TYR A 191 -10.70 -24.12 19.81
C TYR A 191 -10.70 -22.95 18.83
N THR A 192 -9.52 -22.34 18.67
CA THR A 192 -9.34 -21.22 17.75
C THR A 192 -8.41 -21.51 16.59
N PHE A 193 -7.80 -22.69 16.52
CA PHE A 193 -6.89 -23.00 15.42
C PHE A 193 -6.97 -24.48 15.08
N PHE A 194 -7.04 -24.76 13.77
CA PHE A 194 -6.98 -26.11 13.23
C PHE A 194 -5.71 -26.24 12.40
N SER A 195 -4.85 -27.18 12.76
CA SER A 195 -3.60 -27.42 12.04
C SER A 195 -3.82 -28.49 10.98
N ALA A 196 -3.90 -28.09 9.71
CA ALA A 196 -4.24 -28.98 8.60
C ALA A 196 -3.16 -30.03 8.35
N PRO A 197 -1.87 -29.71 8.50
CA PRO A 197 -0.85 -30.78 8.40
C PRO A 197 -1.01 -31.89 9.43
N HIS A 198 -1.49 -31.61 10.66
CA HIS A 198 -1.57 -32.62 11.69
C HIS A 198 -2.98 -33.01 12.12
N HIS A 199 -4.03 -32.39 11.55
CA HIS A 199 -5.42 -32.63 11.97
C HIS A 199 -5.59 -32.48 13.49
N THR A 200 -4.83 -31.56 14.10
CA THR A 200 -4.94 -31.18 15.49
C THR A 200 -5.72 -29.89 15.66
N TYR A 201 -6.28 -29.69 16.85
CA TYR A 201 -6.89 -28.43 17.22
C TYR A 201 -6.17 -27.85 18.43
N SER A 202 -6.16 -26.52 18.52
CA SER A 202 -5.53 -25.86 19.65
C SER A 202 -6.22 -24.52 19.85
N LYS A 203 -6.08 -23.98 21.05
CA LYS A 203 -6.53 -22.64 21.41
C LYS A 203 -5.26 -21.90 21.80
N ILE A 204 -4.67 -21.23 20.81
CA ILE A 204 -3.42 -20.50 20.97
C ILE A 204 -3.65 -19.00 21.02
N ASP A 205 -4.90 -18.55 20.99
CA ASP A 205 -5.28 -17.15 21.03
C ASP A 205 -6.08 -16.93 22.31
N HIS A 206 -5.82 -15.83 23.02
CA HIS A 206 -6.36 -15.72 24.38
C HIS A 206 -6.79 -14.30 24.71
N ILE A 207 -7.73 -14.22 25.64
CA ILE A 207 -8.06 -12.99 26.38
C ILE A 207 -7.62 -13.20 27.82
N VAL A 208 -6.59 -12.49 28.23
CA VAL A 208 -6.15 -12.45 29.62
C VAL A 208 -6.52 -11.09 30.20
N GLY A 209 -6.79 -11.06 31.51
CA GLY A 209 -7.30 -9.84 32.12
C GLY A 209 -7.01 -9.79 33.60
N SER A 210 -6.92 -8.56 34.12
CA SER A 210 -6.98 -8.31 35.56
C SER A 210 -8.05 -9.16 36.24
N LYS A 211 -7.68 -9.78 37.36
CA LYS A 211 -8.67 -10.47 38.17
C LYS A 211 -9.77 -9.53 38.62
N ALA A 212 -9.43 -8.25 38.85
CA ALA A 212 -10.40 -7.29 39.39
C ALA A 212 -11.57 -7.06 38.44
N LEU A 213 -11.33 -7.10 37.12
CA LEU A 213 -12.38 -6.87 36.14
C LEU A 213 -13.26 -8.09 35.90
N LEU A 214 -13.00 -9.22 36.58
CA LEU A 214 -13.77 -10.43 36.27
C LEU A 214 -15.21 -10.31 36.76
N SER A 215 -15.42 -9.51 37.81
CA SER A 215 -16.74 -8.95 38.13
C SER A 215 -17.53 -8.55 36.88
N LYS A 216 -16.90 -7.84 35.95
CA LYS A 216 -17.58 -7.11 34.88
C LYS A 216 -17.78 -7.91 33.59
N CYS A 217 -17.42 -9.19 33.55
CA CYS A 217 -17.47 -9.95 32.30
C CYS A 217 -18.69 -10.86 32.27
N LYS A 218 -19.49 -10.73 31.21
CA LYS A 218 -20.68 -11.56 31.05
C LYS A 218 -20.34 -12.82 30.29
N ARG A 219 -20.03 -12.68 29.00
CA ARG A 219 -19.86 -13.80 28.11
C ARG A 219 -18.51 -13.69 27.44
N THR A 220 -18.01 -14.83 27.01
CA THR A 220 -16.90 -14.86 26.08
C THR A 220 -17.19 -15.95 25.06
N GLU A 221 -17.18 -15.56 23.79
CA GLU A 221 -17.58 -16.41 22.69
C GLU A 221 -16.36 -16.69 21.81
N ILE A 222 -16.38 -17.83 21.14
CA ILE A 222 -15.43 -18.13 20.08
C ILE A 222 -16.21 -18.11 18.77
N ILE A 223 -15.79 -17.27 17.83
CA ILE A 223 -16.57 -16.94 16.63
C ILE A 223 -15.85 -17.52 15.42
N THR A 224 -16.57 -18.34 14.66
CA THR A 224 -16.06 -18.82 13.40
C THR A 224 -16.14 -17.68 12.38
N ASN A 225 -15.30 -17.77 11.34
CA ASN A 225 -15.31 -16.75 10.30
C ASN A 225 -14.59 -17.28 9.07
N LYS A 226 -14.92 -16.69 7.92
CA LYS A 226 -14.32 -17.06 6.65
C LYS A 226 -13.13 -16.18 6.29
N LEU A 227 -12.57 -15.45 7.26
CA LEU A 227 -11.51 -14.49 6.96
C LEU A 227 -10.12 -15.01 7.22
N SER A 228 -9.96 -15.98 8.11
CA SER A 228 -8.64 -16.36 8.58
C SER A 228 -8.68 -17.81 9.04
N ASP A 229 -7.51 -18.43 9.13
CA ASP A 229 -7.44 -19.78 9.68
C ASP A 229 -7.52 -19.82 11.20
N HIS A 230 -7.69 -18.69 11.84
CA HIS A 230 -7.98 -18.65 13.27
C HIS A 230 -9.42 -18.22 13.50
N SER A 231 -9.93 -18.56 14.67
CA SER A 231 -11.22 -18.04 15.09
C SER A 231 -11.02 -16.81 15.96
N ALA A 232 -12.11 -16.10 16.21
CA ALA A 232 -12.07 -14.86 16.95
C ALA A 232 -12.64 -15.08 18.35
N ILE A 233 -12.19 -14.27 19.31
CA ILE A 233 -12.71 -14.33 20.67
C ILE A 233 -13.43 -13.02 20.96
N LYS A 234 -14.69 -13.12 21.38
CA LYS A 234 -15.51 -11.97 21.73
C LYS A 234 -15.79 -11.96 23.22
N LEU A 235 -15.77 -10.77 23.83
CA LEU A 235 -15.98 -10.60 25.26
C LEU A 235 -16.90 -9.41 25.52
N GLU A 236 -18.11 -9.63 26.07
CA GLU A 236 -18.92 -8.47 26.47
C GLU A 236 -18.64 -8.17 27.93
N LEU A 237 -18.30 -6.91 28.23
CA LEU A 237 -18.03 -6.43 29.57
C LEU A 237 -19.25 -5.66 30.05
N ARG A 238 -19.10 -4.96 31.18
CA ARG A 238 -20.20 -4.24 31.82
C ARG A 238 -19.72 -2.94 32.44
N HIS D 7 -10.52 12.78 -32.11
CA HIS D 7 -11.21 12.84 -30.82
C HIS D 7 -10.51 12.03 -29.73
N ILE D 8 -9.20 11.82 -29.87
CA ILE D 8 -8.42 11.07 -28.90
C ILE D 8 -7.30 11.97 -28.36
N THR D 9 -7.15 12.01 -27.03
CA THR D 9 -6.21 12.89 -26.36
C THR D 9 -5.23 12.05 -25.54
N ILE D 10 -3.93 12.37 -25.64
CA ILE D 10 -2.93 11.72 -24.80
C ILE D 10 -2.26 12.78 -23.93
N LEU D 11 -2.03 12.43 -22.68
CA LEU D 11 -1.53 13.35 -21.66
C LEU D 11 -0.37 12.69 -20.94
N THR D 12 0.72 13.43 -20.76
CA THR D 12 1.91 12.93 -20.09
C THR D 12 2.21 13.83 -18.90
N LEU D 13 2.46 13.23 -17.75
CA LEU D 13 2.77 13.98 -16.55
C LEU D 13 3.78 13.21 -15.71
N ASN D 14 4.85 13.91 -15.32
CA ASN D 14 5.83 13.45 -14.34
C ASN D 14 5.28 13.83 -12.97
N ILE D 15 4.62 12.88 -12.29
CA ILE D 15 3.85 13.24 -11.10
C ILE D 15 4.73 13.49 -9.89
N ASN D 16 5.94 12.92 -9.87
CA ASN D 16 6.91 13.09 -8.79
C ASN D 16 6.31 12.68 -7.45
N GLY D 17 5.96 11.40 -7.37
CA GLY D 17 5.51 10.80 -6.13
C GLY D 17 4.01 10.67 -5.97
N LEU D 18 3.55 9.44 -5.71
CA LEU D 18 2.13 9.16 -5.51
C LEU D 18 1.86 8.35 -4.24
N ASN D 19 2.81 8.28 -3.30
CA ASN D 19 2.57 7.44 -2.13
C ASN D 19 1.61 8.05 -1.11
N SER D 20 1.37 9.36 -1.16
CA SER D 20 0.41 10.01 -0.28
C SER D 20 -1.01 9.91 -0.85
N ALA D 21 -1.97 9.46 -0.05
CA ALA D 21 -3.34 9.35 -0.54
C ALA D 21 -3.93 10.71 -0.87
N ILE D 22 -3.59 11.75 -0.11
CA ILE D 22 -4.05 13.09 -0.44
C ILE D 22 -3.59 13.47 -1.84
N LYS D 23 -2.36 13.12 -2.20
CA LYS D 23 -1.90 13.44 -3.55
C LYS D 23 -2.59 12.59 -4.61
N ARG D 24 -2.91 11.32 -4.29
CA ARG D 24 -3.64 10.47 -5.22
C ARG D 24 -5.05 10.99 -5.46
N HIS D 25 -5.69 11.49 -4.39
CA HIS D 25 -6.99 12.13 -4.55
C HIS D 25 -6.89 13.38 -5.42
N ARG D 26 -5.79 14.13 -5.26
CA ARG D 26 -5.63 15.36 -6.04
C ARG D 26 -5.37 15.05 -7.50
N LEU D 27 -4.57 14.03 -7.77
CA LEU D 27 -4.30 13.61 -9.15
C LEU D 27 -5.58 13.10 -9.80
N ALA D 28 -6.32 12.25 -9.09
CA ALA D 28 -7.57 11.72 -9.63
C ALA D 28 -8.49 12.84 -10.06
N SER D 29 -8.58 13.90 -9.26
CA SER D 29 -9.48 14.99 -9.57
C SER D 29 -8.95 15.82 -10.73
N TRP D 30 -7.63 15.98 -10.80
CA TRP D 30 -7.02 16.68 -11.92
C TRP D 30 -7.24 15.94 -13.23
N ILE D 31 -7.11 14.61 -13.21
CA ILE D 31 -7.22 13.84 -14.44
C ILE D 31 -8.65 13.85 -14.96
N LYS D 32 -9.64 13.75 -14.06
CA LYS D 32 -11.03 13.81 -14.50
C LYS D 32 -11.32 15.15 -15.15
N SER D 33 -10.80 16.22 -14.58
CA SER D 33 -10.91 17.53 -15.20
C SER D 33 -10.34 17.52 -16.62
N GLN D 34 -9.10 17.05 -16.78
CA GLN D 34 -8.48 17.05 -18.10
C GLN D 34 -9.18 16.10 -19.05
N ASP D 35 -9.63 14.96 -18.52
CA ASP D 35 -10.30 13.89 -19.27
C ASP D 35 -9.50 13.51 -20.52
N PRO D 36 -8.33 12.89 -20.37
CA PRO D 36 -7.62 12.39 -21.54
C PRO D 36 -8.06 10.96 -21.84
N SER D 37 -7.91 10.58 -23.11
CA SER D 37 -8.26 9.22 -23.48
C SER D 37 -7.16 8.26 -23.06
N VAL D 38 -5.92 8.71 -23.05
CA VAL D 38 -4.81 7.94 -22.51
C VAL D 38 -3.96 8.88 -21.67
N CYS D 39 -3.52 8.38 -20.52
CA CYS D 39 -2.70 9.16 -19.60
C CYS D 39 -1.43 8.39 -19.29
N CYS D 40 -0.29 9.07 -19.41
CA CYS D 40 1.00 8.48 -19.08
C CYS D 40 1.57 9.20 -17.86
N ILE D 41 1.81 8.47 -16.79
CA ILE D 41 2.33 9.02 -15.55
C ILE D 41 3.74 8.49 -15.36
N GLN D 42 4.66 9.36 -14.97
CA GLN D 42 5.99 8.93 -14.62
C GLN D 42 6.30 9.26 -13.16
N GLU D 43 7.25 8.51 -12.60
CA GLU D 43 7.71 8.73 -11.23
C GLU D 43 6.57 8.58 -10.23
N THR D 44 5.82 7.49 -10.36
CA THR D 44 4.78 7.26 -9.37
C THR D 44 5.38 6.97 -8.01
N HIS D 45 6.57 6.38 -7.98
CA HIS D 45 7.27 5.91 -6.79
C HIS D 45 6.54 4.76 -6.11
N LEU D 46 5.63 4.10 -6.80
CA LEU D 46 4.91 2.97 -6.21
C LEU D 46 5.73 1.70 -6.36
N THR D 47 5.68 0.85 -5.36
CA THR D 47 6.45 -0.37 -5.48
C THR D 47 5.66 -1.40 -6.27
N CYS D 48 6.35 -2.47 -6.66
CA CYS D 48 5.67 -3.54 -7.38
C CYS D 48 4.55 -4.15 -6.54
N ARG D 49 4.70 -4.08 -5.21
CA ARG D 49 3.70 -4.61 -4.29
C ARG D 49 2.71 -3.56 -3.82
N ASP D 50 2.69 -2.38 -4.47
CA ASP D 50 1.81 -1.29 -4.08
C ASP D 50 0.96 -0.79 -5.25
N THR D 51 0.89 -1.54 -6.35
CA THR D 51 0.27 -1.03 -7.56
C THR D 51 -1.21 -0.80 -7.40
N HIS D 52 -1.87 -1.60 -6.56
CA HIS D 52 -3.31 -1.46 -6.43
C HIS D 52 -3.71 -0.26 -5.60
N ARG D 53 -2.76 0.43 -4.97
CA ARG D 53 -3.07 1.69 -4.30
C ARG D 53 -3.36 2.80 -5.29
N LEU D 54 -2.95 2.67 -6.55
CA LEU D 54 -3.22 3.67 -7.58
C LEU D 54 -4.55 3.33 -8.26
N LYS D 55 -5.59 4.10 -7.95
CA LYS D 55 -6.93 3.86 -8.46
C LYS D 55 -7.56 5.22 -8.74
N ILE D 56 -7.74 5.54 -9.99
CA ILE D 56 -8.47 6.71 -10.43
C ILE D 56 -9.83 6.22 -10.86
N LYS D 57 -10.86 7.02 -10.61
CA LYS D 57 -12.22 6.62 -10.96
C LYS D 57 -12.56 7.11 -12.35
N GLY D 58 -12.98 6.19 -13.21
CA GLY D 58 -13.17 6.46 -14.62
C GLY D 58 -11.99 6.04 -15.49
N TRP D 59 -10.88 5.65 -14.87
CA TRP D 59 -9.69 5.15 -15.55
C TRP D 59 -9.33 3.92 -14.76
N ARG D 60 -9.96 2.82 -15.08
CA ARG D 60 -9.65 1.59 -14.37
C ARG D 60 -8.72 0.63 -15.10
N LYS D 61 -8.59 0.66 -16.42
CA LYS D 61 -7.46 -0.04 -17.04
C LYS D 61 -6.22 0.83 -16.83
N ILE D 62 -5.31 0.34 -15.98
CA ILE D 62 -4.11 1.05 -15.55
C ILE D 62 -2.93 0.09 -15.64
N TYR D 63 -2.09 0.24 -16.65
CA TYR D 63 -0.93 -0.62 -16.81
C TYR D 63 0.29 0.06 -16.19
N GLN D 64 0.96 -0.64 -15.26
CA GLN D 64 2.05 -0.05 -14.51
C GLN D 64 3.28 -0.93 -14.58
N ALA D 65 4.43 -0.30 -14.49
CA ALA D 65 5.68 -1.01 -14.26
C ALA D 65 6.37 -0.31 -13.10
N ASN D 66 6.68 -1.08 -12.06
CA ASN D 66 7.28 -0.50 -10.88
C ASN D 66 8.44 -1.37 -10.42
N GLY D 67 9.40 -0.75 -9.74
CA GLY D 67 10.54 -1.44 -9.22
C GLY D 67 10.29 -1.90 -7.80
N LYS D 68 11.37 -2.30 -7.14
CA LYS D 68 11.28 -2.83 -5.79
C LYS D 68 11.42 -1.75 -4.73
N GLN D 69 11.73 -0.52 -5.12
CA GLN D 69 11.81 0.60 -4.21
C GLN D 69 10.85 1.70 -4.63
N LYS D 70 10.61 2.65 -3.72
CA LYS D 70 9.75 3.79 -3.98
C LYS D 70 10.45 4.79 -4.90
N LYS D 71 10.94 4.28 -6.03
CA LYS D 71 11.54 5.09 -7.07
C LYS D 71 11.00 4.65 -8.41
N ALA D 72 11.21 5.51 -9.42
CA ALA D 72 10.78 5.22 -10.78
C ALA D 72 9.30 4.88 -10.74
N GLY D 73 8.82 3.98 -11.58
CA GLY D 73 7.42 3.67 -11.61
C GLY D 73 6.73 4.47 -12.69
N VAL D 74 6.19 3.76 -13.66
CA VAL D 74 5.46 4.34 -14.79
C VAL D 74 4.08 3.71 -14.83
N ALA D 75 3.14 4.47 -15.39
CA ALA D 75 1.76 4.03 -15.51
C ALA D 75 1.14 4.58 -16.78
N ILE D 76 0.37 3.74 -17.46
CA ILE D 76 -0.46 4.16 -18.58
C ILE D 76 -1.91 3.94 -18.17
N LEU D 77 -2.69 5.02 -18.14
CA LEU D 77 -4.10 5.01 -17.77
C LEU D 77 -4.94 5.21 -19.02
N VAL D 78 -5.96 4.38 -19.21
CA VAL D 78 -6.89 4.53 -20.33
C VAL D 78 -8.30 4.69 -19.79
N SER D 79 -8.96 5.76 -20.25
CA SER D 79 -10.33 6.06 -19.87
C SER D 79 -11.25 4.87 -20.11
N ASP D 80 -12.24 4.70 -19.23
CA ASP D 80 -13.23 3.64 -19.42
C ASP D 80 -14.19 3.96 -20.55
N LYS D 81 -14.21 5.22 -20.97
CA LYS D 81 -14.92 5.89 -22.06
C LYS D 81 -14.30 5.62 -23.41
N THR D 82 -13.36 4.67 -23.43
CA THR D 82 -12.54 4.31 -24.58
C THR D 82 -12.50 2.81 -24.78
N ASP D 83 -12.67 2.39 -26.04
CA ASP D 83 -12.48 1.00 -26.45
C ASP D 83 -10.98 0.76 -26.63
N PHE D 84 -10.33 0.22 -25.61
CA PHE D 84 -8.91 -0.12 -25.70
C PHE D 84 -8.76 -1.62 -25.77
N LYS D 85 -8.23 -2.12 -26.89
CA LYS D 85 -8.02 -3.52 -27.18
C LYS D 85 -6.52 -3.82 -27.07
N PRO D 86 -6.07 -4.21 -25.87
CA PRO D 86 -4.61 -4.41 -25.73
C PRO D 86 -4.18 -5.72 -26.35
N THR D 87 -3.05 -5.70 -27.07
CA THR D 87 -2.52 -6.89 -27.75
C THR D 87 -1.18 -7.34 -27.20
N LYS D 88 -0.40 -6.45 -26.61
CA LYS D 88 0.86 -6.80 -25.98
C LYS D 88 1.17 -5.78 -24.89
N ILE D 89 1.87 -6.25 -23.85
CA ILE D 89 2.31 -5.41 -22.74
C ILE D 89 3.72 -5.87 -22.38
N LYS D 90 4.72 -5.07 -22.70
CA LYS D 90 6.08 -5.32 -22.26
C LYS D 90 6.42 -4.31 -21.19
N ARG D 91 6.92 -4.80 -20.06
CA ARG D 91 7.17 -3.95 -18.92
C ARG D 91 8.57 -4.24 -18.41
N ASP D 92 9.33 -3.18 -18.20
CA ASP D 92 10.61 -3.22 -17.51
C ASP D 92 10.44 -3.60 -16.04
N LYS D 93 11.39 -4.37 -15.51
CA LYS D 93 11.36 -4.77 -14.11
C LYS D 93 12.18 -3.82 -13.24
N GLU D 94 12.79 -2.81 -13.84
CA GLU D 94 13.37 -1.68 -13.13
C GLU D 94 12.33 -0.67 -12.71
N GLY D 95 11.18 -0.67 -13.38
CA GLY D 95 10.16 0.32 -13.17
C GLY D 95 10.30 1.55 -14.05
N HIS D 96 11.12 1.49 -15.10
CA HIS D 96 11.46 2.66 -15.89
C HIS D 96 10.70 2.77 -17.20
N TYR D 97 10.04 1.71 -17.65
CA TYR D 97 9.26 1.86 -18.86
C TYR D 97 8.16 0.82 -18.91
N ILE D 98 7.11 1.17 -19.66
CA ILE D 98 6.02 0.27 -19.97
C ILE D 98 5.61 0.54 -21.41
N MET D 99 5.34 -0.54 -22.14
CA MET D 99 4.84 -0.44 -23.51
C MET D 99 3.57 -1.25 -23.62
N VAL D 100 2.54 -0.66 -24.22
CA VAL D 100 1.30 -1.37 -24.48
C VAL D 100 0.91 -1.11 -25.92
N LYS D 101 0.52 -2.16 -26.63
CA LYS D 101 0.04 -2.08 -28.01
C LYS D 101 -1.45 -2.35 -28.01
N GLY D 102 -2.20 -1.61 -28.82
CA GLY D 102 -3.63 -1.77 -28.81
C GLY D 102 -4.32 -1.08 -29.96
N SER D 103 -5.64 -0.90 -29.81
CA SER D 103 -6.43 -0.26 -30.87
C SER D 103 -7.50 0.60 -30.22
N ILE D 104 -7.25 1.91 -30.13
CA ILE D 104 -8.22 2.88 -29.62
C ILE D 104 -9.03 3.38 -30.81
N GLN D 105 -10.35 3.41 -30.65
CA GLN D 105 -11.28 3.92 -31.67
C GLN D 105 -11.01 3.29 -33.03
N GLN D 106 -10.99 1.96 -33.02
CA GLN D 106 -10.74 1.10 -34.19
C GLN D 106 -9.43 1.37 -34.91
N GLU D 107 -8.39 1.83 -34.20
CA GLU D 107 -7.10 1.85 -34.90
C GLU D 107 -5.90 1.72 -33.99
N GLU D 108 -4.92 0.97 -34.50
CA GLU D 108 -3.72 0.55 -33.79
C GLU D 108 -2.87 1.72 -33.31
N LEU D 109 -2.14 1.45 -32.23
CA LEU D 109 -1.29 2.41 -31.56
C LEU D 109 -0.38 1.66 -30.62
N THR D 110 0.87 2.07 -30.57
CA THR D 110 1.82 1.57 -29.60
C THR D 110 2.20 2.74 -28.72
N ILE D 111 2.23 2.51 -27.40
CA ILE D 111 2.54 3.58 -26.47
C ILE D 111 3.69 3.11 -25.59
N LEU D 112 4.78 3.87 -25.58
CA LEU D 112 5.92 3.61 -24.73
C LEU D 112 6.04 4.73 -23.72
N ASN D 113 6.05 4.38 -22.44
CA ASN D 113 6.13 5.35 -21.36
C ASN D 113 7.47 5.18 -20.65
N ILE D 114 8.28 6.23 -20.65
CA ILE D 114 9.69 6.14 -20.27
C ILE D 114 9.93 7.06 -19.09
N TYR D 115 10.69 6.57 -18.12
CA TYR D 115 11.30 7.41 -17.10
C TYR D 115 12.80 7.13 -17.12
N ALA D 116 13.56 8.05 -17.68
CA ALA D 116 15.00 7.89 -17.79
C ALA D 116 15.68 8.43 -16.53
N PRO D 117 16.55 7.65 -15.90
CA PRO D 117 17.35 8.21 -14.80
C PRO D 117 18.27 9.30 -15.33
N ASN D 118 18.37 10.42 -14.59
CA ASN D 118 19.16 11.54 -15.08
C ASN D 118 20.62 11.15 -15.30
N THR D 119 21.14 10.25 -14.45
CA THR D 119 22.48 9.72 -14.58
C THR D 119 22.57 8.78 -15.78
N GLY D 120 23.02 9.31 -16.91
CA GLY D 120 23.12 8.51 -18.12
C GLY D 120 21.83 8.43 -18.91
N ALA D 121 21.09 9.54 -19.00
CA ALA D 121 19.76 9.48 -19.61
C ALA D 121 19.82 9.14 -21.09
N PRO D 122 20.57 9.85 -21.95
CA PRO D 122 20.48 9.56 -23.38
C PRO D 122 20.97 8.17 -23.76
N ARG D 123 21.78 7.54 -22.93
CA ARG D 123 22.26 6.21 -23.28
C ARG D 123 21.35 5.15 -22.71
N PHE D 124 20.54 5.49 -21.71
CA PHE D 124 19.48 4.60 -21.28
C PHE D 124 18.37 4.54 -22.32
N ILE D 125 17.94 5.70 -22.82
CA ILE D 125 16.87 5.72 -23.79
C ILE D 125 17.31 5.02 -25.06
N LYS D 126 18.56 5.26 -25.49
CA LYS D 126 19.08 4.55 -26.64
C LYS D 126 18.99 3.04 -26.43
N GLN D 127 19.44 2.53 -25.28
CA GLN D 127 19.44 1.09 -25.11
C GLN D 127 18.03 0.52 -24.98
N VAL D 128 17.10 1.27 -24.37
CA VAL D 128 15.73 0.81 -24.30
C VAL D 128 15.09 0.79 -25.69
N LEU D 129 15.54 1.69 -26.58
CA LEU D 129 14.98 1.74 -27.92
C LEU D 129 15.38 0.54 -28.78
N SER D 130 16.63 0.07 -28.68
CA SER D 130 17.00 -1.08 -29.50
C SER D 130 16.70 -2.43 -28.86
N ASP D 131 16.30 -2.42 -27.58
CA ASP D 131 15.74 -3.60 -26.96
C ASP D 131 14.28 -3.80 -27.37
N LEU D 132 13.58 -2.72 -27.70
CA LEU D 132 12.20 -2.74 -28.16
C LEU D 132 12.10 -2.61 -29.66
N GLN D 133 13.23 -2.81 -30.35
CA GLN D 133 13.37 -2.76 -31.80
C GLN D 133 12.14 -3.30 -32.52
N ARG D 134 11.84 -4.58 -32.31
CA ARG D 134 10.86 -5.33 -33.08
C ARG D 134 9.44 -4.96 -32.72
N ASP D 135 9.23 -4.22 -31.62
CA ASP D 135 7.90 -3.78 -31.23
C ASP D 135 7.60 -2.37 -31.72
N LEU D 136 8.61 -1.60 -32.09
CA LEU D 136 8.36 -0.26 -32.59
C LEU D 136 7.89 -0.35 -34.03
N ASP D 137 6.81 0.38 -34.34
CA ASP D 137 6.17 0.29 -35.64
C ASP D 137 6.15 1.68 -36.28
N SER D 138 5.13 1.98 -37.08
CA SER D 138 4.95 3.31 -37.64
C SER D 138 3.75 4.05 -37.04
N HIS D 139 3.20 3.50 -35.97
CA HIS D 139 2.16 4.02 -35.07
C HIS D 139 2.59 4.06 -33.61
N THR D 140 3.88 4.36 -33.40
CA THR D 140 4.50 4.40 -32.10
C THR D 140 4.44 5.80 -31.50
N LEU D 141 4.13 5.86 -30.21
CA LEU D 141 4.38 7.05 -29.41
C LEU D 141 5.29 6.69 -28.23
N ILE D 142 6.33 7.49 -28.05
CA ILE D 142 7.17 7.40 -26.88
C ILE D 142 6.97 8.69 -26.12
N MET D 143 6.72 8.57 -24.82
CA MET D 143 6.53 9.74 -24.00
C MET D 143 7.18 9.53 -22.65
N GLY D 144 7.57 10.62 -22.04
CA GLY D 144 7.84 10.58 -20.63
C GLY D 144 8.97 11.51 -20.26
N ALA D 145 9.55 11.17 -19.12
CA ALA D 145 10.64 11.93 -18.52
C ALA D 145 11.91 11.42 -19.18
N PHE D 146 12.36 12.14 -20.21
CA PHE D 146 13.63 11.81 -20.82
C PHE D 146 14.80 12.30 -19.98
N ASN D 147 14.58 13.25 -19.08
CA ASN D 147 15.63 13.83 -18.27
C ASN D 147 16.80 14.31 -19.13
N THR D 148 16.48 14.66 -20.37
CA THR D 148 17.46 15.28 -21.25
C THR D 148 16.70 16.17 -22.23
N PRO D 149 17.28 17.29 -22.61
CA PRO D 149 16.74 18.01 -23.76
C PRO D 149 17.24 17.35 -25.03
N LEU D 150 16.41 17.42 -26.06
CA LEU D 150 16.78 16.88 -27.38
C LEU D 150 17.32 17.97 -28.30
N SER D 151 16.91 19.21 -28.06
CA SER D 151 17.33 20.37 -28.81
C SER D 151 17.93 21.39 -27.85
N THR D 152 18.69 22.33 -28.40
CA THR D 152 19.16 23.45 -27.58
C THR D 152 18.02 24.35 -27.14
N LEU D 153 16.88 24.32 -27.83
CA LEU D 153 15.74 25.14 -27.44
C LEU D 153 14.98 24.57 -26.26
N ASP D 154 15.35 23.37 -25.80
CA ASP D 154 14.69 22.72 -24.67
C ASP D 154 15.29 23.13 -23.33
N ARG D 155 16.05 24.22 -23.29
CA ARG D 155 16.79 24.61 -22.09
C ARG D 155 17.07 26.10 -22.19
N SER D 156 16.86 26.82 -21.09
CA SER D 156 16.99 28.28 -21.12
C SER D 156 18.45 28.71 -21.20
N THR D 157 19.36 27.90 -20.66
CA THR D 157 20.78 28.16 -20.84
C THR D 157 21.22 28.05 -22.29
N ARG D 158 20.37 27.49 -23.14
CA ARG D 158 20.65 27.36 -24.58
C ARG D 158 21.93 26.58 -24.83
N GLN D 159 22.38 25.82 -23.85
CA GLN D 159 23.61 25.05 -23.97
C GLN D 159 23.52 24.07 -25.13
N LYS D 160 24.63 23.89 -25.84
CA LYS D 160 24.67 22.94 -26.93
C LYS D 160 24.41 21.53 -26.39
N VAL D 161 23.79 20.68 -27.20
CA VAL D 161 23.38 19.40 -26.68
C VAL D 161 24.55 18.41 -26.71
N ASN D 162 24.61 17.57 -25.70
CA ASN D 162 25.62 16.57 -25.41
C ASN D 162 25.88 15.64 -26.61
N LYS D 163 27.09 15.09 -26.66
CA LYS D 163 27.41 14.09 -27.69
C LYS D 163 26.58 12.83 -27.51
N ASP D 164 26.30 12.43 -26.27
CA ASP D 164 25.50 11.22 -26.06
C ASP D 164 24.04 11.48 -26.35
N THR D 165 23.61 12.74 -26.30
CA THR D 165 22.27 13.10 -26.76
C THR D 165 22.19 13.11 -28.29
N GLN D 166 23.25 13.55 -28.97
CA GLN D 166 23.18 13.58 -30.43
C GLN D 166 23.16 12.19 -31.04
N GLU D 167 23.60 11.18 -30.29
CA GLU D 167 23.56 9.83 -30.83
C GLU D 167 22.27 9.13 -30.47
N LEU D 168 21.49 9.71 -29.56
CA LEU D 168 20.10 9.29 -29.43
C LEU D 168 19.26 9.91 -30.54
N ASN D 169 19.51 11.18 -30.87
CA ASN D 169 18.80 11.81 -31.99
C ASN D 169 19.10 11.08 -33.30
N SER D 170 20.35 10.62 -33.46
CA SER D 170 20.69 9.77 -34.60
C SER D 170 19.90 8.47 -34.57
N ALA D 171 19.81 7.84 -33.39
CA ALA D 171 19.06 6.58 -33.28
C ALA D 171 17.56 6.78 -33.49
N LEU D 172 17.03 7.97 -33.15
CA LEU D 172 15.61 8.20 -33.35
C LEU D 172 15.30 8.39 -34.83
N HIS D 173 16.19 9.07 -35.56
CA HIS D 173 16.00 9.23 -36.99
C HIS D 173 16.17 7.92 -37.75
N GLN D 174 16.78 6.90 -37.13
CA GLN D 174 16.87 5.60 -37.77
C GLN D 174 15.63 4.75 -37.55
N ALA D 175 14.78 5.12 -36.61
CA ALA D 175 13.48 4.47 -36.43
C ALA D 175 12.33 5.33 -36.94
N ASP D 176 12.64 6.46 -37.57
CA ASP D 176 11.65 7.36 -38.17
C ASP D 176 10.77 8.03 -37.12
N LEU D 177 11.38 8.46 -36.02
CA LEU D 177 10.66 9.11 -34.93
C LEU D 177 11.16 10.54 -34.78
N ILE D 178 10.23 11.45 -34.46
CA ILE D 178 10.52 12.86 -34.32
C ILE D 178 9.88 13.35 -33.03
N ASP D 179 10.42 14.45 -32.50
CA ASP D 179 9.79 15.17 -31.40
C ASP D 179 8.55 15.88 -31.93
N ILE D 180 7.37 15.38 -31.56
CA ILE D 180 6.12 15.94 -32.09
C ILE D 180 5.92 17.38 -31.62
N TYR D 181 6.24 17.67 -30.35
CA TYR D 181 6.02 19.03 -29.86
C TYR D 181 6.86 20.04 -30.63
N ARG D 182 8.17 19.77 -30.74
CA ARG D 182 9.04 20.66 -31.49
C ARG D 182 8.62 20.74 -32.94
N THR D 183 8.16 19.62 -33.51
CA THR D 183 7.76 19.61 -34.91
C THR D 183 6.62 20.58 -35.16
N LEU D 184 5.67 20.65 -34.22
CA LEU D 184 4.54 21.55 -34.34
C LEU D 184 4.84 22.97 -33.88
N HIS D 185 5.91 23.20 -33.13
CA HIS D 185 6.27 24.54 -32.65
C HIS D 185 7.79 24.68 -32.69
N PRO D 186 8.35 24.93 -33.88
CA PRO D 186 9.83 24.94 -33.97
C PRO D 186 10.49 26.10 -33.30
N LYS D 187 9.77 27.19 -33.07
CA LYS D 187 10.40 28.39 -32.55
C LYS D 187 9.83 28.87 -31.24
N SER D 188 9.43 27.94 -30.38
CA SER D 188 8.69 28.18 -29.14
C SER D 188 9.62 27.97 -27.96
N THR D 189 9.50 28.84 -26.98
CA THR D 189 10.41 28.95 -25.85
C THR D 189 9.91 28.18 -24.64
N GLU D 190 8.89 27.35 -24.81
CA GLU D 190 8.09 26.85 -23.71
C GLU D 190 8.76 25.69 -22.97
N TYR D 191 8.55 25.64 -21.66
CA TYR D 191 9.31 24.75 -20.78
C TYR D 191 8.36 23.88 -19.94
N THR D 192 8.89 22.74 -19.49
CA THR D 192 8.14 21.85 -18.61
C THR D 192 8.74 21.72 -17.23
N PHE D 193 9.90 22.33 -16.97
CA PHE D 193 10.53 22.20 -15.65
C PHE D 193 11.26 23.47 -15.27
N PHE D 194 11.06 23.88 -14.02
CA PHE D 194 11.79 24.97 -13.39
C PHE D 194 12.67 24.37 -12.31
N SER D 195 13.98 24.56 -12.41
CA SER D 195 14.92 24.06 -11.41
C SER D 195 15.15 25.17 -10.41
N ALA D 196 14.57 25.02 -9.22
CA ALA D 196 14.58 26.07 -8.21
C ALA D 196 15.99 26.35 -7.68
N PRO D 197 16.86 25.35 -7.54
CA PRO D 197 18.24 25.66 -7.13
C PRO D 197 18.99 26.62 -8.04
N HIS D 198 18.82 26.55 -9.36
CA HIS D 198 19.56 27.44 -10.25
C HIS D 198 18.66 28.49 -10.89
N HIS D 199 17.36 28.44 -10.65
CA HIS D 199 16.39 29.28 -11.33
C HIS D 199 16.56 29.20 -12.86
N THR D 200 16.80 27.98 -13.32
CA THR D 200 16.92 27.54 -14.71
C THR D 200 15.55 27.04 -15.21
N TYR D 201 15.36 27.08 -16.54
CA TYR D 201 14.20 26.48 -17.15
C TYR D 201 14.63 25.37 -18.09
N SER D 202 13.78 24.35 -18.23
CA SER D 202 14.14 23.21 -19.04
C SER D 202 12.88 22.53 -19.58
N LYS D 203 13.05 21.79 -20.68
CA LYS D 203 12.02 20.93 -21.25
C LYS D 203 12.62 19.54 -21.30
N ILE D 204 12.43 18.77 -20.22
CA ILE D 204 13.00 17.43 -20.15
C ILE D 204 11.95 16.36 -20.36
N ASP D 205 10.71 16.73 -20.63
CA ASP D 205 9.63 15.79 -20.85
C ASP D 205 9.17 15.94 -22.29
N HIS D 206 8.91 14.82 -22.95
CA HIS D 206 8.75 14.85 -24.39
C HIS D 206 7.69 13.87 -24.86
N ILE D 207 7.05 14.22 -25.98
CA ILE D 207 6.29 13.28 -26.79
C ILE D 207 7.00 13.14 -28.12
N VAL D 208 7.64 12.00 -28.36
CA VAL D 208 8.18 11.69 -29.68
C VAL D 208 7.34 10.58 -30.30
N GLY D 209 7.30 10.57 -31.63
CA GLY D 209 6.37 9.72 -32.33
C GLY D 209 6.83 9.42 -33.75
N SER D 210 6.33 8.30 -34.27
CA SER D 210 6.39 7.98 -35.69
C SER D 210 6.10 9.20 -36.56
N LYS D 211 6.91 9.36 -37.61
CA LYS D 211 6.67 10.41 -38.59
C LYS D 211 5.29 10.26 -39.23
N ALA D 212 4.81 9.03 -39.38
CA ALA D 212 3.55 8.79 -40.09
C ALA D 212 2.36 9.45 -39.40
N LEU D 213 2.38 9.53 -38.07
CA LEU D 213 1.25 10.08 -37.33
C LEU D 213 1.20 11.60 -37.30
N LEU D 214 2.15 12.29 -37.92
CA LEU D 214 2.16 13.74 -37.77
C LEU D 214 1.03 14.39 -38.57
N SER D 215 0.69 13.80 -39.72
CA SER D 215 -0.60 13.98 -40.37
C SER D 215 -1.74 14.03 -39.36
N LYS D 216 -1.77 13.07 -38.42
CA LYS D 216 -2.93 12.79 -37.58
C LYS D 216 -2.97 13.62 -36.28
N CYS D 217 -2.03 14.55 -36.09
CA CYS D 217 -1.93 15.32 -34.85
C CYS D 217 -2.52 16.71 -35.05
N LYS D 218 -3.48 17.07 -34.19
CA LYS D 218 -4.13 18.37 -34.27
C LYS D 218 -3.38 19.41 -33.43
N ARG D 219 -3.38 19.23 -32.11
CA ARG D 219 -2.83 20.20 -31.16
C ARG D 219 -1.86 19.50 -30.23
N THR D 220 -0.90 20.27 -29.70
CA THR D 220 -0.12 19.81 -28.55
C THR D 220 0.08 20.98 -27.60
N GLU D 221 -0.36 20.81 -26.35
CA GLU D 221 -0.34 21.85 -25.34
C GLU D 221 0.61 21.47 -24.23
N ILE D 222 1.14 22.48 -23.55
CA ILE D 222 1.86 22.29 -22.30
C ILE D 222 0.99 22.83 -21.18
N ILE D 223 0.70 21.98 -20.20
CA ILE D 223 -0.34 22.24 -19.21
C ILE D 223 0.34 22.47 -17.86
N THR D 224 0.11 23.65 -17.28
CA THR D 224 0.59 23.90 -15.94
C THR D 224 -0.31 23.21 -14.93
N ASN D 225 0.26 22.92 -13.76
CA ASN D 225 -0.48 22.30 -12.68
C ASN D 225 0.30 22.50 -11.39
N LYS D 226 -0.44 22.53 -10.28
CA LYS D 226 0.16 22.72 -8.96
C LYS D 226 0.41 21.40 -8.25
N LEU D 227 0.48 20.29 -9.01
CA LEU D 227 0.63 18.95 -8.47
C LEU D 227 2.07 18.44 -8.51
N SER D 228 2.92 19.02 -9.34
CA SER D 228 4.24 18.48 -9.62
C SER D 228 5.18 19.61 -9.99
N ASP D 229 6.48 19.35 -9.85
CA ASP D 229 7.42 20.34 -10.34
C ASP D 229 7.60 20.28 -11.85
N HIS D 230 6.93 19.35 -12.53
CA HIS D 230 6.91 19.33 -13.99
C HIS D 230 5.53 19.73 -14.50
N SER D 231 5.50 20.19 -15.75
CA SER D 231 4.24 20.42 -16.43
C SER D 231 3.87 19.18 -17.24
N ALA D 232 2.65 19.19 -17.74
CA ALA D 232 2.15 18.08 -18.51
C ALA D 232 2.08 18.48 -19.97
N ILE D 233 2.21 17.49 -20.86
CA ILE D 233 2.08 17.69 -22.29
C ILE D 233 0.82 16.97 -22.73
N LYS D 234 -0.04 17.67 -23.45
CA LYS D 234 -1.27 17.10 -23.99
C LYS D 234 -1.16 17.02 -25.51
N LEU D 235 -1.63 15.92 -26.09
CA LEU D 235 -1.61 15.72 -27.54
C LEU D 235 -2.99 15.28 -28.00
N GLU D 236 -3.65 16.12 -28.79
CA GLU D 236 -4.94 15.79 -29.39
C GLU D 236 -4.71 15.20 -30.77
N LEU D 237 -5.25 14.01 -31.02
CA LEU D 237 -5.06 13.32 -32.28
C LEU D 237 -6.32 13.44 -33.15
N ARG D 238 -6.30 12.72 -34.27
CA ARG D 238 -7.42 12.73 -35.21
C ARG D 238 -7.59 11.39 -35.92
#